data_5DW8
#
_entry.id   5DW8
#
_cell.length_a   49.008
_cell.length_b   105.687
_cell.length_c   53.313
_cell.angle_alpha   90.000
_cell.angle_beta   101.910
_cell.angle_gamma   90.000
#
_symmetry.space_group_name_H-M   'P 1 21 1'
#
loop_
_entity.id
_entity.type
_entity.pdbx_description
1 polymer 'Inositol monophosphatase'
2 non-polymer 'CALCIUM ION'
3 non-polymer "ADENOSINE-2'-MONOPHOSPHATE"
4 non-polymer GLYCEROL
5 water water
#
_entity_poly.entity_id   1
_entity_poly.type   'polypeptide(L)'
_entity_poly.pdbx_seq_one_letter_code
;HHHHHHGSMALYGFAQGLIQEAGIRIKQLMEQNLTIETKSNPNDLVTNVDKATEDFIFDTILETYPNHQVLGEEGHGHDI
DTSKGTVWVVDPIDGTLNFVHQQENFAISIGIYIDGKPYAGFVYDVMADVLYHAKVGEGAYRGSQPLKPLNDSNLRQSII
GINPNWLTKPILGEIFKEIVNDSRSARAYGSAALEIVSVATGNLEAYMTPRLQPWDFAGGLVILYEVNGQASNLLGEPLT
ISGPNSILVGNRGLHQEISNDYLEPHHDALIQLHEQRFKRKSK
;
_entity_poly.pdbx_strand_id   A,B
#
loop_
_chem_comp.id
_chem_comp.type
_chem_comp.name
_chem_comp.formula
2AM non-polymer ADENOSINE-2'-MONOPHOSPHATE 'C10 H14 N5 O7 P'
CA non-polymer 'CALCIUM ION' 'Ca 2'
GOL non-polymer GLYCEROL 'C3 H8 O3'
#
# COMPACT_ATOMS: atom_id res chain seq x y z
N MET A 9 32.96 7.33 9.04
CA MET A 9 31.73 8.17 8.83
C MET A 9 32.07 9.42 8.00
N ALA A 10 32.85 9.20 6.94
CA ALA A 10 33.19 10.23 5.95
C ALA A 10 32.55 9.78 4.65
N LEU A 11 32.79 8.52 4.31
CA LEU A 11 32.06 7.82 3.26
C LEU A 11 30.58 7.79 3.61
N TYR A 12 30.25 7.43 4.84
CA TYR A 12 28.87 7.39 5.32
C TYR A 12 28.20 8.75 5.14
N GLY A 13 28.84 9.80 5.66
CA GLY A 13 28.25 11.13 5.66
C GLY A 13 27.99 11.52 4.26
N PHE A 14 28.99 11.27 3.43
CA PHE A 14 28.94 11.50 1.99
C PHE A 14 27.83 10.68 1.28
N ALA A 15 27.68 9.40 1.64
CA ALA A 15 26.57 8.62 1.08
C ALA A 15 25.24 9.23 1.54
N GLN A 16 25.13 9.47 2.85
CA GLN A 16 23.94 10.06 3.43
C GLN A 16 23.50 11.32 2.69
N GLY A 17 24.43 12.26 2.48
CA GLY A 17 24.08 13.52 1.82
C GLY A 17 23.64 13.38 0.37
N LEU A 18 24.37 12.54 -0.38
CA LEU A 18 24.11 12.33 -1.81
C LEU A 18 22.73 11.73 -2.12
N ILE A 19 22.36 10.68 -1.40
CA ILE A 19 21.02 10.10 -1.57
C ILE A 19 19.96 11.17 -1.34
N GLN A 20 20.20 12.08 -0.39
CA GLN A 20 19.20 13.11 -0.16
C GLN A 20 19.17 14.16 -1.24
N GLU A 21 20.33 14.61 -1.71
CA GLU A 21 20.32 15.50 -2.88
C GLU A 21 19.68 14.85 -4.12
N ALA A 22 19.99 13.59 -4.36
CA ALA A 22 19.44 12.93 -5.50
C ALA A 22 17.90 13.02 -5.42
N GLY A 23 17.36 12.88 -4.21
CA GLY A 23 15.91 12.91 -4.00
C GLY A 23 15.32 14.24 -4.38
N ILE A 24 15.89 15.33 -3.83
CA ILE A 24 15.43 16.70 -4.09
C ILE A 24 15.58 17.04 -5.56
N ARG A 25 16.68 16.60 -6.16
CA ARG A 25 16.82 16.75 -7.59
C ARG A 25 15.64 16.07 -8.31
N ILE A 26 15.25 14.88 -7.86
CA ILE A 26 14.07 14.27 -8.45
C ILE A 26 12.85 15.17 -8.27
N LYS A 27 12.48 15.56 -7.04
CA LYS A 27 11.35 16.51 -6.82
C LYS A 27 11.41 17.71 -7.77
N GLN A 28 12.62 18.19 -8.04
CA GLN A 28 12.83 19.34 -8.91
C GLN A 28 12.51 19.09 -10.38
N LEU A 29 12.85 17.92 -10.88
CA LEU A 29 12.47 17.58 -12.24
C LEU A 29 10.95 17.46 -12.32
N MET A 30 10.36 16.69 -11.40
CA MET A 30 8.92 16.41 -11.44
C MET A 30 8.14 17.70 -11.53
N GLU A 31 8.49 18.66 -10.69
CA GLU A 31 7.79 19.93 -10.72
C GLU A 31 8.12 20.83 -11.96
N GLN A 32 9.29 20.62 -12.57
CA GLN A 32 9.61 21.24 -13.89
C GLN A 32 8.76 20.69 -15.05
N ASN A 33 8.02 19.60 -14.79
CA ASN A 33 7.18 18.98 -15.81
C ASN A 33 5.76 19.48 -15.70
N ASN A 43 5.03 8.02 -20.84
CA ASN A 43 5.92 7.73 -19.70
C ASN A 43 7.40 7.88 -20.07
N ASP A 44 7.69 8.94 -20.82
CA ASP A 44 9.05 9.34 -21.14
C ASP A 44 9.67 10.10 -19.99
N LEU A 45 8.84 10.71 -19.16
CA LEU A 45 9.36 11.41 -18.00
C LEU A 45 10.18 10.45 -17.16
N VAL A 46 9.60 9.31 -16.83
CA VAL A 46 10.20 8.40 -15.86
C VAL A 46 11.54 7.86 -16.35
N THR A 47 11.71 7.74 -17.67
CA THR A 47 12.90 7.11 -18.27
C THR A 47 14.13 8.03 -18.16
N ASN A 48 13.91 9.30 -18.48
CA ASN A 48 14.79 10.37 -18.02
C ASN A 48 14.48 10.48 -16.52
N VAL A 49 15.27 11.16 -15.75
CA VAL A 49 15.03 11.12 -14.28
C VAL A 49 15.71 9.88 -13.70
N ASP A 50 15.26 8.70 -14.08
CA ASP A 50 15.98 7.48 -13.78
C ASP A 50 17.42 7.58 -14.24
N LYS A 51 17.56 7.88 -15.52
CA LYS A 51 18.84 8.01 -16.19
C LYS A 51 19.60 9.18 -15.59
N ALA A 52 18.92 10.32 -15.47
CA ALA A 52 19.59 11.54 -15.00
C ALA A 52 20.05 11.39 -13.56
N THR A 53 19.32 10.59 -12.76
CA THR A 53 19.57 10.43 -11.33
C THR A 53 20.73 9.50 -11.04
N GLU A 54 20.80 8.41 -11.79
CA GLU A 54 21.91 7.49 -11.66
C GLU A 54 23.14 8.13 -12.18
N ASP A 55 22.97 8.99 -13.19
CA ASP A 55 24.10 9.68 -13.79
C ASP A 55 24.64 10.74 -12.83
N PHE A 56 23.75 11.44 -12.15
CA PHE A 56 24.13 12.32 -11.03
C PHE A 56 24.81 11.58 -9.86
N ILE A 57 24.21 10.49 -9.42
CA ILE A 57 24.82 9.66 -8.38
C ILE A 57 26.20 9.13 -8.82
N PHE A 58 26.30 8.64 -10.04
CA PHE A 58 27.56 8.02 -10.50
C PHE A 58 28.62 9.13 -10.66
N ASP A 59 28.26 10.25 -11.27
CA ASP A 59 29.25 11.34 -11.48
C ASP A 59 29.85 11.96 -10.22
N THR A 60 29.04 12.06 -9.17
CA THR A 60 29.43 12.69 -7.91
C THR A 60 30.34 11.75 -7.15
N ILE A 61 30.04 10.46 -7.25
CA ILE A 61 30.89 9.44 -6.65
C ILE A 61 32.32 9.43 -7.25
N LEU A 62 32.39 9.26 -8.56
CA LEU A 62 33.72 9.04 -9.16
C LEU A 62 34.59 10.32 -9.10
N GLU A 63 33.94 11.49 -9.02
CA GLU A 63 34.65 12.78 -8.92
C GLU A 63 35.42 12.92 -7.60
N THR A 64 35.05 12.14 -6.60
CA THR A 64 35.77 12.16 -5.31
C THR A 64 36.49 10.86 -5.00
N TYR A 65 35.92 9.76 -5.50
CA TYR A 65 36.34 8.40 -5.21
C TYR A 65 36.48 7.61 -6.50
N PRO A 66 37.47 7.96 -7.32
CA PRO A 66 37.54 7.43 -8.66
C PRO A 66 37.83 5.92 -8.71
N ASN A 67 38.31 5.36 -7.60
CA ASN A 67 38.45 3.89 -7.41
C ASN A 67 37.18 3.15 -7.07
N HIS A 68 36.12 3.89 -6.71
CA HIS A 68 34.90 3.22 -6.20
C HIS A 68 34.19 2.69 -7.40
N GLN A 69 33.73 1.47 -7.30
CA GLN A 69 32.89 0.89 -8.32
C GLN A 69 31.42 1.15 -8.02
N VAL A 70 30.60 1.14 -9.09
CA VAL A 70 29.14 1.36 -9.03
C VAL A 70 28.35 0.41 -9.91
N LEU A 71 27.44 -0.35 -9.29
CA LEU A 71 26.51 -1.22 -10.00
C LEU A 71 25.15 -0.53 -9.98
N GLY A 72 24.64 -0.13 -11.14
CA GLY A 72 23.36 0.58 -11.24
C GLY A 72 22.27 -0.19 -11.97
N GLU A 73 21.00 0.12 -11.62
CA GLU A 73 19.83 -0.27 -12.36
C GLU A 73 19.98 0.23 -13.78
N GLU A 74 20.48 1.43 -13.96
CA GLU A 74 20.54 1.99 -15.32
C GLU A 74 21.73 1.54 -16.13
N GLY A 75 22.40 0.47 -15.74
CA GLY A 75 23.47 -0.10 -16.54
C GLY A 75 24.91 0.02 -16.05
N HIS A 76 25.24 0.99 -15.18
CA HIS A 76 26.63 1.14 -14.73
C HIS A 76 27.08 -0.12 -14.02
N GLY A 77 28.29 -0.59 -14.34
CA GLY A 77 28.91 -1.69 -13.62
C GLY A 77 28.36 -3.09 -13.82
N HIS A 78 27.69 -3.31 -14.96
CA HIS A 78 27.18 -4.64 -15.31
C HIS A 78 28.32 -5.61 -15.40
N ASP A 79 28.19 -6.72 -14.69
CA ASP A 79 29.23 -7.77 -14.62
C ASP A 79 30.47 -7.41 -13.82
N ILE A 80 30.39 -6.39 -12.98
CA ILE A 80 31.43 -6.11 -12.02
C ILE A 80 31.64 -7.29 -11.02
N ASP A 81 32.83 -7.35 -10.40
CA ASP A 81 33.12 -8.21 -9.25
C ASP A 81 32.71 -7.39 -8.06
N THR A 82 31.59 -7.73 -7.43
CA THR A 82 31.04 -6.88 -6.35
C THR A 82 31.84 -6.97 -5.06
N SER A 83 32.69 -7.98 -4.99
CA SER A 83 33.46 -8.31 -3.80
C SER A 83 34.80 -7.57 -3.72
N LYS A 84 35.19 -6.86 -4.80
CA LYS A 84 36.44 -6.06 -4.80
C LYS A 84 36.18 -4.58 -4.49
N GLY A 85 36.96 -4.04 -3.57
CA GLY A 85 36.92 -2.62 -3.27
C GLY A 85 35.56 -2.12 -2.79
N THR A 86 35.37 -0.81 -2.89
CA THR A 86 34.15 -0.20 -2.45
C THR A 86 33.13 -0.12 -3.56
N VAL A 87 31.97 -0.70 -3.29
CA VAL A 87 30.99 -0.91 -4.33
C VAL A 87 29.63 -0.38 -3.96
N TRP A 88 29.16 0.59 -4.74
CA TRP A 88 27.82 1.14 -4.56
C TRP A 88 26.85 0.43 -5.50
N VAL A 89 25.78 -0.15 -4.93
CA VAL A 89 24.71 -0.73 -5.73
C VAL A 89 23.45 0.09 -5.53
N VAL A 90 23.03 0.71 -6.62
CA VAL A 90 22.03 1.74 -6.54
C VAL A 90 20.91 1.51 -7.50
N ASP A 91 19.71 1.86 -7.06
CA ASP A 91 18.55 1.90 -7.94
C ASP A 91 17.98 3.29 -7.83
N PRO A 92 17.99 4.08 -8.90
CA PRO A 92 17.72 5.45 -8.59
C PRO A 92 16.25 5.60 -8.33
N ILE A 93 15.40 4.84 -9.02
CA ILE A 93 13.97 4.79 -8.68
C ILE A 93 13.40 3.36 -8.54
N ASP A 94 13.26 2.91 -7.30
CA ASP A 94 12.48 1.74 -7.02
C ASP A 94 11.02 2.13 -6.89
N GLY A 95 10.19 1.56 -7.77
CA GLY A 95 8.75 1.87 -7.88
C GLY A 95 8.47 2.83 -9.02
N THR A 96 8.91 2.49 -10.23
CA THR A 96 8.72 3.37 -11.41
C THR A 96 7.27 3.56 -11.71
N LEU A 97 6.49 2.49 -11.66
CA LEU A 97 5.09 2.63 -11.90
C LEU A 97 4.48 3.58 -10.90
N ASN A 98 4.76 3.40 -9.62
CA ASN A 98 4.22 4.28 -8.59
C ASN A 98 4.66 5.70 -8.90
N PHE A 99 5.93 5.86 -9.25
CA PHE A 99 6.46 7.19 -9.61
C PHE A 99 5.61 7.88 -10.70
N VAL A 100 5.36 7.15 -11.79
CA VAL A 100 4.54 7.58 -12.94
C VAL A 100 3.04 7.78 -12.67
N HIS A 101 2.42 6.88 -11.89
CA HIS A 101 0.95 6.91 -11.65
C HIS A 101 0.52 7.59 -10.36
N GLN A 102 1.41 7.56 -9.37
CA GLN A 102 1.13 8.12 -8.05
C GLN A 102 2.00 9.35 -7.72
N GLN A 103 3.16 9.47 -8.37
CA GLN A 103 4.09 10.54 -8.09
C GLN A 103 4.46 10.53 -6.60
N GLU A 104 4.54 9.32 -6.06
CA GLU A 104 4.93 9.09 -4.68
C GLU A 104 5.12 7.58 -4.45
N ASN A 105 5.38 7.17 -3.22
CA ASN A 105 5.74 5.77 -2.90
C ASN A 105 6.85 5.17 -3.76
N PHE A 106 7.91 5.94 -4.02
CA PHE A 106 9.10 5.41 -4.67
C PHE A 106 10.36 5.80 -3.87
N ALA A 107 11.48 5.16 -4.15
CA ALA A 107 12.70 5.38 -3.33
C ALA A 107 14.00 5.13 -4.06
N ILE A 108 15.05 5.81 -3.62
CA ILE A 108 16.36 5.56 -4.13
C ILE A 108 16.91 4.51 -3.17
N SER A 109 17.58 3.50 -3.70
CA SER A 109 18.17 2.49 -2.86
C SER A 109 19.67 2.49 -3.11
N ILE A 110 20.42 2.48 -2.01
CA ILE A 110 21.88 2.41 -2.06
C ILE A 110 22.42 1.57 -0.91
N GLY A 111 23.07 0.47 -1.26
CA GLY A 111 23.90 -0.24 -0.35
C GLY A 111 25.34 -0.02 -0.77
N ILE A 112 26.22 0.09 0.21
CA ILE A 112 27.66 0.26 -0.01
C ILE A 112 28.32 -0.96 0.61
N TYR A 113 29.13 -1.63 -0.18
CA TYR A 113 29.80 -2.83 0.26
C TYR A 113 31.27 -2.52 0.18
N ILE A 114 32.07 -3.17 1.00
CA ILE A 114 33.52 -2.99 0.96
C ILE A 114 34.04 -4.40 1.00
N ASP A 115 34.93 -4.72 0.08
CA ASP A 115 35.47 -6.06 -0.07
C ASP A 115 34.42 -7.17 0.01
N GLY A 116 33.23 -6.95 -0.52
CA GLY A 116 32.16 -7.95 -0.45
C GLY A 116 31.35 -7.90 0.84
N LYS A 117 31.81 -7.12 1.80
CA LYS A 117 31.19 -7.02 3.10
C LYS A 117 30.35 -5.73 3.16
N PRO A 118 29.15 -5.83 3.78
CA PRO A 118 28.30 -4.66 3.86
C PRO A 118 28.87 -3.57 4.78
N TYR A 119 28.68 -2.33 4.36
CA TYR A 119 29.11 -1.17 5.12
C TYR A 119 27.89 -0.33 5.52
N ALA A 120 27.14 0.14 4.53
CA ALA A 120 25.97 0.96 4.76
C ALA A 120 24.84 0.66 3.78
N GLY A 121 23.61 0.90 4.23
CA GLY A 121 22.40 0.84 3.40
C GLY A 121 21.61 2.14 3.57
N PHE A 122 20.93 2.55 2.50
CA PHE A 122 20.06 3.74 2.54
C PHE A 122 18.91 3.49 1.60
N VAL A 123 17.71 3.75 2.07
CA VAL A 123 16.57 3.84 1.19
C VAL A 123 15.75 5.08 1.56
N TYR A 124 15.59 5.96 0.58
CA TYR A 124 15.02 7.26 0.77
C TYR A 124 13.66 7.41 0.11
N ASP A 125 12.61 7.50 0.92
CA ASP A 125 11.28 7.77 0.38
C ASP A 125 11.20 9.22 -0.01
N VAL A 126 11.46 9.48 -1.29
CA VAL A 126 11.64 10.85 -1.74
C VAL A 126 10.46 11.71 -1.28
N MET A 127 9.27 11.34 -1.69
CA MET A 127 8.14 12.27 -1.56
C MET A 127 7.68 12.46 -0.13
N ALA A 128 7.95 11.46 0.72
CA ALA A 128 7.74 11.58 2.16
C ALA A 128 8.88 12.32 2.81
N ASP A 129 10.00 12.43 2.10
CA ASP A 129 11.24 12.93 2.66
C ASP A 129 11.59 12.20 3.94
N VAL A 130 11.58 10.88 3.88
CA VAL A 130 12.07 10.06 4.98
C VAL A 130 13.24 9.22 4.55
N LEU A 131 14.34 9.27 5.30
CA LEU A 131 15.48 8.42 4.98
C LEU A 131 15.66 7.31 6.02
N TYR A 132 15.68 6.07 5.52
CA TYR A 132 16.01 4.92 6.33
C TYR A 132 17.48 4.66 6.06
N HIS A 133 18.29 4.54 7.10
CA HIS A 133 19.74 4.44 6.95
C HIS A 133 20.28 3.52 8.00
N ALA A 134 21.41 2.90 7.70
CA ALA A 134 22.02 1.95 8.60
C ALA A 134 23.48 1.77 8.26
N LYS A 135 24.31 1.82 9.28
CA LYS A 135 25.71 1.47 9.14
C LYS A 135 25.84 0.23 9.96
N VAL A 136 26.63 -0.72 9.46
CA VAL A 136 26.65 -2.08 9.98
C VAL A 136 27.30 -2.14 11.37
N GLY A 137 26.58 -2.68 12.34
CA GLY A 137 26.97 -2.71 13.75
C GLY A 137 26.43 -1.53 14.54
N GLU A 138 25.87 -0.53 13.86
CA GLU A 138 25.51 0.71 14.55
C GLU A 138 24.01 0.93 14.63
N GLY A 139 23.20 -0.08 14.26
CA GLY A 139 21.73 0.02 14.29
C GLY A 139 21.07 0.69 13.08
N ALA A 140 19.74 0.66 13.07
CA ALA A 140 18.93 1.12 11.94
C ALA A 140 18.14 2.33 12.35
N TYR A 141 17.89 3.23 11.42
CA TYR A 141 17.16 4.43 11.70
C TYR A 141 16.08 4.72 10.68
N ARG A 142 15.04 5.42 11.14
CA ARG A 142 14.00 5.99 10.28
C ARG A 142 14.10 7.46 10.61
N GLY A 143 14.51 8.28 9.64
CA GLY A 143 14.91 9.67 9.96
C GLY A 143 15.98 9.56 11.02
N SER A 144 15.74 10.11 12.20
CA SER A 144 16.73 10.11 13.28
C SER A 144 16.26 9.29 14.47
N GLN A 145 15.18 8.57 14.26
CA GLN A 145 14.64 7.71 15.28
CA GLN A 145 14.53 7.65 15.21
C GLN A 145 15.21 6.29 15.13
N PRO A 146 15.75 5.75 16.24
CA PRO A 146 16.30 4.37 16.09
C PRO A 146 15.21 3.32 15.86
N LEU A 147 15.47 2.34 15.00
CA LEU A 147 14.53 1.23 14.82
C LEU A 147 14.71 0.18 15.92
N LYS A 148 13.61 -0.43 16.36
CA LYS A 148 13.69 -1.46 17.40
C LYS A 148 13.93 -2.83 16.77
N PRO A 149 14.67 -3.69 17.47
CA PRO A 149 14.75 -5.04 16.91
C PRO A 149 13.39 -5.74 16.80
N LEU A 150 13.24 -6.52 15.75
CA LEU A 150 11.96 -7.13 15.39
C LEU A 150 11.60 -8.23 16.34
N ASN A 151 10.32 -8.31 16.68
CA ASN A 151 9.82 -9.47 17.39
C ASN A 151 9.39 -10.55 16.41
N ASP A 152 9.33 -11.76 16.98
CA ASP A 152 8.86 -12.94 16.30
C ASP A 152 7.35 -12.89 16.23
N SER A 153 6.80 -13.34 15.11
CA SER A 153 5.36 -13.59 14.96
C SER A 153 5.03 -14.89 14.21
N ASN A 154 3.80 -15.35 14.40
CA ASN A 154 3.25 -16.46 13.67
C ASN A 154 2.71 -15.89 12.35
N LEU A 155 2.74 -16.67 11.28
CA LEU A 155 2.12 -16.27 10.03
C LEU A 155 0.64 -15.90 10.25
N ARG A 156 -0.04 -16.62 11.13
CA ARG A 156 -1.46 -16.42 11.37
C ARG A 156 -1.79 -15.09 12.02
N GLN A 157 -0.87 -14.48 12.79
CA GLN A 157 -1.05 -13.06 13.13
C GLN A 157 -0.14 -12.10 12.38
N SER A 158 0.19 -12.40 11.11
CA SER A 158 1.11 -11.55 10.36
C SER A 158 0.47 -10.93 9.12
N ILE A 159 0.91 -9.72 8.78
CA ILE A 159 0.55 -9.07 7.51
C ILE A 159 1.74 -9.19 6.56
N ILE A 160 1.47 -9.66 5.34
CA ILE A 160 2.53 -10.10 4.48
C ILE A 160 2.50 -9.21 3.28
N GLY A 161 3.66 -8.93 2.73
CA GLY A 161 3.77 -8.11 1.54
C GLY A 161 3.91 -9.06 0.37
N ILE A 162 2.88 -9.15 -0.46
CA ILE A 162 2.97 -9.94 -1.66
C ILE A 162 2.03 -9.42 -2.72
N ASN A 163 2.55 -9.33 -3.96
CA ASN A 163 1.76 -8.82 -5.10
C ASN A 163 0.74 -9.79 -5.68
N PRO A 164 -0.52 -9.33 -5.89
CA PRO A 164 -1.51 -10.20 -6.53
C PRO A 164 -1.03 -10.87 -7.82
N ASN A 165 -0.23 -10.20 -8.63
CA ASN A 165 0.23 -10.81 -9.88
C ASN A 165 0.91 -12.17 -9.66
N TRP A 166 1.50 -12.40 -8.49
CA TRP A 166 2.28 -13.62 -8.29
C TRP A 166 1.39 -14.79 -8.10
N LEU A 167 0.16 -14.49 -7.72
CA LEU A 167 -0.86 -15.47 -7.42
C LEU A 167 -1.55 -15.97 -8.66
N THR A 168 -1.32 -15.33 -9.78
CA THR A 168 -1.88 -15.80 -11.05
C THR A 168 -0.97 -16.85 -11.70
N LYS A 169 0.26 -17.02 -11.23
CA LYS A 169 1.18 -17.84 -11.99
C LYS A 169 0.88 -19.33 -11.86
N PRO A 170 1.28 -20.11 -12.88
CA PRO A 170 1.40 -21.56 -12.77
C PRO A 170 2.44 -21.96 -11.71
N ILE A 171 2.06 -22.91 -10.84
CA ILE A 171 2.92 -23.41 -9.79
C ILE A 171 3.07 -22.42 -8.67
N LEU A 172 3.76 -21.32 -8.94
CA LEU A 172 4.05 -20.31 -7.92
C LEU A 172 2.77 -19.90 -7.18
N GLY A 173 1.66 -19.84 -7.94
CA GLY A 173 0.32 -19.48 -7.46
C GLY A 173 -0.26 -20.32 -6.34
N GLU A 174 -0.30 -21.65 -6.50
CA GLU A 174 -0.79 -22.55 -5.43
C GLU A 174 0.04 -22.39 -4.17
N ILE A 175 1.35 -22.37 -4.38
CA ILE A 175 2.30 -22.18 -3.30
C ILE A 175 1.99 -20.88 -2.51
N PHE A 176 1.85 -19.74 -3.17
CA PHE A 176 1.57 -18.48 -2.44
C PHE A 176 0.14 -18.37 -1.95
N LYS A 177 -0.78 -19.12 -2.57
CA LYS A 177 -2.17 -19.21 -2.14
C LYS A 177 -2.28 -19.69 -0.69
N GLU A 178 -1.68 -20.86 -0.43
CA GLU A 178 -1.64 -21.42 0.91
C GLU A 178 -1.13 -20.38 1.88
N ILE A 179 -0.09 -19.64 1.51
CA ILE A 179 0.50 -18.71 2.48
C ILE A 179 -0.28 -17.37 2.59
N VAL A 180 -1.03 -16.98 1.55
CA VAL A 180 -1.92 -15.82 1.65
C VAL A 180 -3.12 -16.16 2.54
N ASN A 181 -3.70 -17.36 2.34
CA ASN A 181 -4.80 -17.90 3.17
C ASN A 181 -4.56 -17.90 4.66
N ASP A 182 -3.32 -18.13 5.05
CA ASP A 182 -3.00 -18.21 6.46
C ASP A 182 -2.60 -16.89 7.08
N SER A 183 -1.84 -16.11 6.34
CA SER A 183 -1.53 -14.75 6.72
C SER A 183 -2.79 -14.07 7.28
N ARG A 184 -2.62 -13.35 8.37
CA ARG A 184 -3.67 -12.46 8.82
C ARG A 184 -4.22 -11.69 7.62
N SER A 185 -3.33 -11.11 6.81
CA SER A 185 -3.74 -10.32 5.63
C SER A 185 -2.55 -9.92 4.74
N ALA A 186 -2.88 -9.50 3.52
CA ALA A 186 -1.90 -9.20 2.49
C ALA A 186 -1.97 -7.76 1.99
N ARG A 187 -0.81 -7.26 1.59
CA ARG A 187 -0.59 -5.92 1.10
C ARG A 187 0.35 -5.99 -0.12
N ALA A 188 0.34 -4.91 -0.88
CA ALA A 188 1.20 -4.77 -2.02
C ALA A 188 1.47 -3.27 -2.27
N TYR A 189 2.67 -2.80 -1.98
CA TYR A 189 2.94 -1.37 -2.11
C TYR A 189 3.67 -0.97 -3.40
N GLY A 190 4.29 -1.92 -4.09
CA GLY A 190 4.88 -1.67 -5.40
C GLY A 190 6.30 -1.12 -5.39
N SER A 191 6.98 -1.24 -4.25
CA SER A 191 8.39 -0.90 -4.12
C SER A 191 9.02 -1.88 -3.17
N ALA A 192 9.95 -2.69 -3.70
CA ALA A 192 10.65 -3.73 -2.90
C ALA A 192 11.53 -3.16 -1.81
N ALA A 193 12.21 -2.07 -2.11
CA ALA A 193 13.08 -1.46 -1.10
C ALA A 193 12.27 -0.92 0.08
N LEU A 194 11.21 -0.18 -0.19
CA LEU A 194 10.35 0.32 0.88
C LEU A 194 9.67 -0.82 1.63
N GLU A 195 9.29 -1.90 0.94
CA GLU A 195 8.66 -3.05 1.58
C GLU A 195 9.62 -3.83 2.50
N ILE A 196 10.88 -4.04 2.05
CA ILE A 196 11.98 -4.51 2.94
C ILE A 196 12.12 -3.59 4.17
N VAL A 197 12.18 -2.29 3.88
CA VAL A 197 12.14 -1.26 4.91
C VAL A 197 10.90 -1.47 5.81
N SER A 198 9.73 -1.53 5.23
CA SER A 198 8.52 -1.81 6.02
C SER A 198 8.66 -3.01 6.94
N VAL A 199 9.30 -4.07 6.46
CA VAL A 199 9.61 -5.17 7.37
C VAL A 199 10.57 -4.66 8.45
N ALA A 200 11.67 -4.02 8.09
CA ALA A 200 12.60 -3.51 9.12
C ALA A 200 11.93 -2.62 10.20
N THR A 201 10.80 -1.93 9.85
CA THR A 201 10.09 -1.07 10.80
C THR A 201 8.99 -1.77 11.65
N GLY A 202 8.72 -3.04 11.38
CA GLY A 202 7.60 -3.72 12.01
C GLY A 202 6.24 -3.57 11.31
N ASN A 203 6.19 -2.75 10.24
CA ASN A 203 4.93 -2.48 9.53
C ASN A 203 4.42 -3.61 8.63
N LEU A 204 5.32 -4.53 8.26
CA LEU A 204 4.97 -5.76 7.57
C LEU A 204 5.77 -6.86 8.27
N GLU A 205 5.16 -8.00 8.57
CA GLU A 205 5.94 -9.05 9.21
C GLU A 205 6.78 -9.83 8.20
N ALA A 206 6.34 -9.89 6.95
CA ALA A 206 7.10 -10.54 5.87
C ALA A 206 6.85 -9.89 4.50
N TYR A 207 7.83 -10.03 3.63
CA TYR A 207 7.70 -9.62 2.22
C TYR A 207 8.32 -10.69 1.30
N MET A 208 7.68 -10.95 0.17
CA MET A 208 8.19 -11.96 -0.72
C MET A 208 7.89 -11.64 -2.16
N THR A 209 8.78 -12.13 -3.01
CA THR A 209 8.68 -11.99 -4.45
C THR A 209 9.67 -12.95 -5.10
N PRO A 210 9.32 -13.49 -6.27
CA PRO A 210 10.14 -14.46 -6.98
C PRO A 210 11.33 -13.90 -7.74
N ARG A 211 11.40 -12.60 -7.93
CA ARG A 211 12.49 -12.03 -8.73
C ARG A 211 12.76 -10.61 -8.35
N LEU A 212 14.03 -10.31 -8.19
CA LEU A 212 14.51 -9.00 -7.77
C LEU A 212 16.00 -8.88 -8.14
N GLN A 213 16.47 -7.68 -8.34
CA GLN A 213 17.84 -7.49 -8.76
C GLN A 213 18.58 -6.88 -7.62
N PRO A 214 19.89 -7.10 -7.59
CA PRO A 214 20.77 -6.62 -6.52
C PRO A 214 20.47 -5.22 -5.96
N TRP A 215 20.28 -4.23 -6.82
CA TRP A 215 19.98 -2.84 -6.42
C TRP A 215 18.66 -2.68 -5.68
N ASP A 216 17.69 -3.55 -5.95
CA ASP A 216 16.41 -3.50 -5.26
C ASP A 216 16.46 -3.93 -3.78
N PHE A 217 17.42 -4.79 -3.40
CA PHE A 217 17.53 -5.21 -2.00
C PHE A 217 18.83 -4.80 -1.29
N ALA A 218 19.75 -4.20 -2.02
CA ALA A 218 21.06 -3.91 -1.50
C ALA A 218 20.97 -2.99 -0.31
N GLY A 219 20.41 -1.79 -0.48
CA GLY A 219 20.23 -0.83 0.62
C GLY A 219 19.46 -1.38 1.83
N GLY A 220 18.38 -2.10 1.54
CA GLY A 220 17.40 -2.44 2.55
C GLY A 220 17.76 -3.60 3.45
N LEU A 221 18.53 -4.54 2.92
CA LEU A 221 19.01 -5.68 3.70
C LEU A 221 19.96 -5.28 4.82
N VAL A 222 20.83 -4.31 4.57
CA VAL A 222 21.70 -3.81 5.62
C VAL A 222 20.83 -3.30 6.78
N ILE A 223 19.91 -2.43 6.47
CA ILE A 223 18.97 -1.90 7.47
C ILE A 223 18.27 -3.00 8.31
N LEU A 224 17.87 -4.04 7.61
CA LEU A 224 17.10 -5.10 8.15
C LEU A 224 18.02 -5.96 9.01
N TYR A 225 19.24 -6.16 8.55
CA TYR A 225 20.12 -6.97 9.32
C TYR A 225 20.29 -6.37 10.74
N GLU A 226 20.33 -5.03 10.85
CA GLU A 226 20.48 -4.35 12.18
C GLU A 226 19.37 -4.59 13.21
N VAL A 227 18.12 -4.60 12.80
CA VAL A 227 17.05 -5.04 13.71
C VAL A 227 16.82 -6.57 13.68
N ASN A 228 17.81 -7.30 13.18
CA ASN A 228 17.78 -8.76 13.20
C ASN A 228 16.69 -9.45 12.37
N GLY A 229 16.17 -8.79 11.35
CA GLY A 229 15.29 -9.48 10.42
C GLY A 229 16.09 -10.41 9.52
N GLN A 230 15.43 -11.29 8.77
CA GLN A 230 16.18 -12.02 7.74
C GLN A 230 15.65 -12.12 6.37
N ALA A 231 16.63 -12.30 5.48
CA ALA A 231 16.41 -12.39 4.06
C ALA A 231 17.00 -13.66 3.57
N SER A 232 16.21 -14.38 2.80
CA SER A 232 16.69 -15.48 2.01
C SER A 232 15.96 -15.39 0.72
N ASN A 233 16.33 -16.26 -0.23
CA ASN A 233 15.49 -16.50 -1.38
C ASN A 233 14.44 -17.50 -0.99
N LEU A 234 13.54 -17.83 -1.91
CA LEU A 234 12.38 -18.66 -1.60
C LEU A 234 12.74 -20.11 -1.19
N LEU A 235 13.99 -20.48 -1.44
CA LEU A 235 14.56 -21.76 -1.06
C LEU A 235 15.45 -21.65 0.19
N GLY A 236 15.36 -20.56 0.95
CA GLY A 236 16.14 -20.43 2.18
C GLY A 236 17.63 -20.18 2.02
N GLU A 237 18.09 -19.99 0.79
CA GLU A 237 19.52 -19.74 0.52
C GLU A 237 19.85 -18.25 0.63
N PRO A 238 21.14 -17.92 0.76
CA PRO A 238 21.47 -16.53 1.09
C PRO A 238 21.48 -15.63 -0.14
N LEU A 239 21.19 -14.35 0.10
CA LEU A 239 21.17 -13.36 -0.96
C LEU A 239 22.56 -12.72 -1.05
N THR A 240 22.98 -12.47 -2.29
CA THR A 240 24.19 -11.72 -2.55
C THR A 240 23.95 -10.61 -3.55
N ILE A 241 24.76 -9.58 -3.46
CA ILE A 241 24.79 -8.58 -4.50
C ILE A 241 25.42 -9.05 -5.81
N SER A 242 25.93 -10.27 -5.89
CA SER A 242 26.53 -10.79 -7.15
C SER A 242 25.54 -11.20 -8.22
N GLY A 243 24.27 -11.43 -7.87
CA GLY A 243 23.28 -11.83 -8.91
C GLY A 243 21.81 -11.70 -8.49
N PRO A 244 20.88 -11.70 -9.46
CA PRO A 244 19.46 -11.62 -9.08
C PRO A 244 18.95 -12.87 -8.30
N ASN A 245 17.73 -12.80 -7.79
CA ASN A 245 17.21 -13.90 -6.99
C ASN A 245 15.76 -13.70 -6.60
N SER A 246 15.20 -14.74 -5.99
CA SER A 246 13.92 -14.68 -5.34
C SER A 246 14.14 -14.17 -3.93
N ILE A 247 13.07 -13.82 -3.21
CA ILE A 247 13.21 -13.03 -2.01
C ILE A 247 12.15 -13.47 -1.03
N LEU A 248 12.54 -13.74 0.21
CA LEU A 248 11.63 -13.89 1.35
C LEU A 248 12.26 -13.16 2.54
N VAL A 249 11.57 -12.13 3.04
CA VAL A 249 12.05 -11.29 4.14
C VAL A 249 10.97 -11.27 5.24
N GLY A 250 11.38 -11.34 6.49
CA GLY A 250 10.45 -11.35 7.60
C GLY A 250 11.21 -11.37 8.91
N ASN A 251 10.49 -11.22 10.03
CA ASN A 251 11.08 -11.49 11.31
C ASN A 251 11.51 -12.97 11.41
N ARG A 252 12.40 -13.18 12.35
CA ARG A 252 12.99 -14.47 12.52
C ARG A 252 11.96 -15.63 12.57
N GLY A 253 10.91 -15.48 13.39
CA GLY A 253 9.98 -16.59 13.63
C GLY A 253 9.11 -16.94 12.42
N LEU A 254 8.73 -15.96 11.67
CA LEU A 254 7.83 -16.33 10.64
C LEU A 254 8.48 -16.63 9.31
N HIS A 255 9.71 -16.17 9.13
CA HIS A 255 10.55 -16.57 8.01
C HIS A 255 10.81 -18.07 8.09
N GLN A 256 11.17 -18.52 9.29
CA GLN A 256 11.37 -19.94 9.65
C GLN A 256 10.07 -20.71 9.37
N GLU A 257 8.96 -20.13 9.82
CA GLU A 257 7.63 -20.69 9.54
C GLU A 257 7.24 -20.76 8.06
N ILE A 258 7.36 -19.68 7.30
CA ILE A 258 7.02 -19.72 5.86
C ILE A 258 7.90 -20.70 5.04
N SER A 259 9.22 -20.71 5.30
CA SER A 259 10.13 -21.64 4.61
C SER A 259 9.89 -23.09 5.00
N ASN A 260 9.84 -23.36 6.30
CA ASN A 260 9.79 -24.72 6.77
C ASN A 260 8.49 -25.40 6.39
N ASP A 261 7.40 -24.65 6.45
CA ASP A 261 6.08 -25.19 6.33
C ASP A 261 5.50 -25.09 4.94
N TYR A 262 5.78 -23.99 4.27
CA TYR A 262 4.96 -23.58 3.16
C TYR A 262 5.69 -23.58 1.85
N LEU A 263 6.99 -23.30 1.91
CA LEU A 263 7.82 -23.28 0.71
C LEU A 263 8.61 -24.58 0.49
N GLU A 264 9.30 -24.99 1.54
CA GLU A 264 10.30 -26.03 1.44
C GLU A 264 9.72 -27.46 1.12
N PRO A 265 8.45 -27.76 1.51
CA PRO A 265 7.87 -29.01 0.96
C PRO A 265 7.64 -29.00 -0.57
N HIS A 266 7.58 -27.82 -1.19
CA HIS A 266 7.52 -27.70 -2.65
C HIS A 266 8.87 -27.36 -3.25
N HIS A 267 9.95 -27.74 -2.53
CA HIS A 267 11.36 -27.46 -2.91
C HIS A 267 11.54 -27.69 -4.42
N ASP A 268 11.16 -28.88 -4.87
CA ASP A 268 11.49 -29.32 -6.22
C ASP A 268 10.76 -28.52 -7.26
N ALA A 269 9.48 -28.24 -7.03
CA ALA A 269 8.75 -27.29 -7.89
C ALA A 269 9.41 -25.88 -7.91
N LEU A 270 10.01 -25.47 -6.79
CA LEU A 270 10.68 -24.16 -6.69
C LEU A 270 12.08 -24.16 -7.27
N ILE A 271 12.84 -25.25 -7.08
CA ILE A 271 14.18 -25.33 -7.73
C ILE A 271 14.03 -25.21 -9.25
N GLN A 272 12.96 -25.81 -9.78
CA GLN A 272 12.69 -25.81 -11.21
C GLN A 272 12.34 -24.45 -11.80
N LEU A 273 11.30 -23.78 -11.30
CA LEU A 273 11.01 -22.41 -11.75
C LEU A 273 12.28 -21.59 -11.60
N HIS A 274 12.95 -21.69 -10.45
CA HIS A 274 14.24 -20.99 -10.20
C HIS A 274 15.28 -21.28 -11.30
N GLU A 275 15.52 -22.57 -11.58
CA GLU A 275 16.47 -22.97 -12.64
C GLU A 275 16.04 -22.42 -14.02
N GLN A 276 14.73 -22.29 -14.23
CA GLN A 276 14.23 -21.61 -15.43
C GLN A 276 14.53 -20.13 -15.26
N ARG A 277 13.80 -19.46 -14.37
CA ARG A 277 14.03 -18.05 -14.08
C ARG A 277 15.34 -17.83 -13.34
N SER B 8 -28.05 21.18 5.10
CA SER B 8 -27.67 22.46 5.79
C SER B 8 -26.15 22.64 6.07
N MET B 9 -25.74 23.89 6.17
CA MET B 9 -24.36 24.23 6.44
C MET B 9 -23.92 23.90 7.88
N ALA B 10 -24.76 24.17 8.86
CA ALA B 10 -24.41 23.75 10.23
C ALA B 10 -24.05 22.26 10.22
N LEU B 11 -24.88 21.47 9.53
CA LEU B 11 -24.71 20.02 9.50
C LEU B 11 -23.36 19.70 8.95
N TYR B 12 -23.05 20.21 7.75
CA TYR B 12 -21.73 19.99 7.20
C TYR B 12 -20.58 20.39 8.18
N GLY B 13 -20.55 21.67 8.56
CA GLY B 13 -19.57 22.21 9.51
C GLY B 13 -19.37 21.28 10.69
N PHE B 14 -20.46 20.95 11.36
CA PHE B 14 -20.44 20.10 12.55
C PHE B 14 -19.82 18.74 12.27
N ALA B 15 -20.18 18.13 11.15
CA ALA B 15 -19.65 16.86 10.76
C ALA B 15 -18.16 17.01 10.45
N GLN B 16 -17.79 17.98 9.63
CA GLN B 16 -16.39 18.14 9.30
C GLN B 16 -15.55 18.41 10.51
N GLY B 17 -16.12 19.14 11.47
CA GLY B 17 -15.45 19.40 12.73
C GLY B 17 -15.29 18.15 13.57
N LEU B 18 -16.38 17.39 13.66
CA LEU B 18 -16.47 16.23 14.58
C LEU B 18 -15.48 15.16 14.23
N ILE B 19 -15.38 14.83 12.92
CA ILE B 19 -14.43 13.79 12.47
C ILE B 19 -12.97 14.14 12.79
N GLN B 20 -12.60 15.41 12.67
CA GLN B 20 -11.23 15.80 13.00
C GLN B 20 -11.03 15.70 14.48
N GLU B 21 -12.05 16.09 15.20
CA GLU B 21 -11.99 16.11 16.64
C GLU B 21 -11.77 14.70 17.20
N ALA B 22 -12.50 13.74 16.62
CA ALA B 22 -12.41 12.34 17.00
C ALA B 22 -11.06 11.82 16.62
N GLY B 23 -10.54 12.30 15.48
CA GLY B 23 -9.18 12.00 15.07
C GLY B 23 -8.11 12.36 16.09
N ILE B 24 -8.13 13.58 16.63
CA ILE B 24 -7.13 13.96 17.66
C ILE B 24 -7.26 13.12 18.92
N ARG B 25 -8.49 12.80 19.28
CA ARG B 25 -8.71 11.88 20.40
C ARG B 25 -7.99 10.53 20.17
N ILE B 26 -8.00 10.02 18.94
CA ILE B 26 -7.25 8.79 18.70
C ILE B 26 -5.75 9.01 18.86
N LYS B 27 -5.23 10.14 18.43
CA LYS B 27 -3.79 10.37 18.61
C LYS B 27 -3.44 10.40 20.08
N GLN B 28 -4.30 11.08 20.86
CA GLN B 28 -4.14 11.16 22.31
C GLN B 28 -4.18 9.77 22.94
N LEU B 29 -5.18 8.95 22.63
CA LEU B 29 -5.29 7.63 23.26
C LEU B 29 -4.06 6.76 22.98
N MET B 30 -3.60 6.81 21.74
CA MET B 30 -2.39 6.11 21.36
C MET B 30 -1.23 6.66 22.17
N GLU B 31 -1.05 7.98 22.08
CA GLU B 31 0.06 8.68 22.77
C GLU B 31 0.00 8.39 24.27
N GLN B 32 -1.21 8.44 24.83
CA GLN B 32 -1.49 8.00 26.23
C GLN B 32 -1.11 6.51 26.42
N ASN B 33 -0.11 6.08 25.63
CA ASN B 33 0.49 4.78 25.72
C ASN B 33 1.97 4.77 25.23
N VAL B 46 -6.36 -0.71 20.69
CA VAL B 46 -7.15 -0.57 19.47
C VAL B 46 -8.63 -0.86 19.70
N THR B 47 -8.90 -1.90 20.48
CA THR B 47 -10.26 -2.23 20.89
C THR B 47 -10.73 -1.15 21.88
N ASN B 48 -9.84 -0.74 22.79
CA ASN B 48 -10.09 0.42 23.65
C ASN B 48 -10.35 1.65 22.78
N VAL B 49 -9.38 1.96 21.92
CA VAL B 49 -9.41 3.13 21.05
C VAL B 49 -10.66 3.16 20.16
N ASP B 50 -11.07 2.00 19.67
CA ASP B 50 -12.17 1.91 18.73
C ASP B 50 -13.54 2.16 19.36
N LYS B 51 -13.74 1.65 20.57
CA LYS B 51 -14.93 1.97 21.37
C LYS B 51 -14.98 3.46 21.70
N ALA B 52 -13.84 4.00 22.12
CA ALA B 52 -13.74 5.42 22.45
C ALA B 52 -14.16 6.25 21.25
N THR B 53 -13.66 5.90 20.08
CA THR B 53 -14.02 6.63 18.90
C THR B 53 -15.52 6.48 18.59
N GLU B 54 -16.07 5.26 18.65
CA GLU B 54 -17.47 5.02 18.25
CA GLU B 54 -17.48 5.01 18.27
C GLU B 54 -18.47 5.66 19.26
N ASP B 55 -18.12 5.67 20.54
CA ASP B 55 -18.92 6.38 21.52
C ASP B 55 -18.79 7.87 21.35
N PHE B 56 -17.58 8.35 21.06
CA PHE B 56 -17.42 9.80 20.97
C PHE B 56 -18.22 10.41 19.80
N ILE B 57 -18.15 9.75 18.66
CA ILE B 57 -18.88 10.20 17.49
C ILE B 57 -20.40 10.10 17.72
N PHE B 58 -20.87 8.92 18.10
CA PHE B 58 -22.32 8.70 18.24
C PHE B 58 -22.96 9.59 19.27
N ASP B 59 -22.35 9.67 20.45
CA ASP B 59 -22.82 10.58 21.49
C ASP B 59 -22.75 12.02 21.00
N THR B 60 -21.75 12.40 20.21
CA THR B 60 -21.71 13.82 19.76
C THR B 60 -22.80 14.13 18.73
N ILE B 61 -23.05 13.14 17.85
CA ILE B 61 -24.08 13.29 16.86
C ILE B 61 -25.39 13.51 17.58
N LEU B 62 -25.63 12.64 18.55
CA LEU B 62 -26.96 12.49 19.08
C LEU B 62 -27.26 13.52 20.19
N GLU B 63 -26.29 13.92 20.98
CA GLU B 63 -26.50 15.03 21.95
C GLU B 63 -27.02 16.23 21.17
N THR B 64 -26.63 16.34 19.89
CA THR B 64 -26.93 17.54 19.09
C THR B 64 -28.09 17.34 18.08
N TYR B 65 -28.29 16.09 17.66
CA TYR B 65 -29.28 15.78 16.65
C TYR B 65 -29.93 14.49 17.06
N PRO B 66 -30.75 14.56 18.13
CA PRO B 66 -31.48 13.41 18.65
C PRO B 66 -32.25 12.65 17.59
N ASN B 67 -32.79 13.34 16.59
CA ASN B 67 -33.51 12.70 15.49
C ASN B 67 -32.66 12.07 14.42
N HIS B 68 -31.37 12.34 14.37
CA HIS B 68 -30.55 11.66 13.34
C HIS B 68 -30.38 10.16 13.61
N GLN B 69 -30.40 9.37 12.55
CA GLN B 69 -30.12 7.95 12.63
C GLN B 69 -28.64 7.71 12.42
N VAL B 70 -28.15 6.64 13.05
CA VAL B 70 -26.75 6.25 12.98
C VAL B 70 -26.68 4.77 12.59
N LEU B 71 -25.90 4.48 11.56
CA LEU B 71 -25.64 3.12 11.11
C LEU B 71 -24.12 2.89 11.12
N GLY B 72 -23.70 1.78 11.73
CA GLY B 72 -22.29 1.46 11.87
C GLY B 72 -22.07 0.00 12.20
N GLU B 73 -20.92 -0.30 12.78
CA GLU B 73 -20.49 -1.66 13.07
C GLU B 73 -21.22 -2.30 14.24
N GLU B 74 -21.17 -3.63 14.27
CA GLU B 74 -21.70 -4.45 15.35
C GLU B 74 -23.19 -4.25 15.50
N GLY B 75 -23.89 -4.14 14.38
CA GLY B 75 -25.33 -3.98 14.37
C GLY B 75 -25.83 -2.63 14.86
N HIS B 76 -24.98 -1.60 14.90
CA HIS B 76 -25.48 -0.22 15.10
C HIS B 76 -26.31 0.19 13.90
N GLY B 77 -27.57 0.54 14.13
CA GLY B 77 -28.50 0.89 13.03
C GLY B 77 -29.04 -0.29 12.20
N HIS B 78 -28.75 -1.50 12.62
CA HIS B 78 -29.21 -2.65 11.87
C HIS B 78 -30.72 -2.61 11.61
N ASP B 79 -31.14 -2.99 10.42
CA ASP B 79 -32.55 -2.89 10.01
C ASP B 79 -33.15 -1.49 10.01
N ILE B 80 -32.30 -0.47 10.10
CA ILE B 80 -32.71 0.94 9.92
C ILE B 80 -33.35 1.04 8.55
N ASP B 81 -34.27 1.98 8.38
CA ASP B 81 -34.71 2.39 7.08
C ASP B 81 -33.85 3.56 6.66
N THR B 82 -32.83 3.25 5.88
CA THR B 82 -31.80 4.20 5.51
C THR B 82 -32.31 5.34 4.64
N SER B 83 -33.55 5.24 4.14
CA SER B 83 -34.09 6.26 3.24
C SER B 83 -34.88 7.31 3.97
N LYS B 84 -35.01 7.18 5.28
CA LYS B 84 -35.66 8.17 6.14
C LYS B 84 -34.71 9.05 6.93
N GLY B 85 -35.08 10.32 7.04
CA GLY B 85 -34.35 11.29 7.84
C GLY B 85 -32.87 11.32 7.50
N THR B 86 -32.07 11.73 8.46
CA THR B 86 -30.66 11.90 8.27
C THR B 86 -29.93 10.74 8.88
N VAL B 87 -29.17 10.06 8.04
CA VAL B 87 -28.50 8.84 8.43
C VAL B 87 -26.98 9.07 8.37
N TRP B 88 -26.26 8.81 9.46
CA TRP B 88 -24.80 8.90 9.46
C TRP B 88 -24.26 7.49 9.30
N VAL B 89 -23.42 7.24 8.30
CA VAL B 89 -22.97 5.89 8.13
C VAL B 89 -21.48 5.91 8.44
N VAL B 90 -21.16 5.41 9.64
CA VAL B 90 -19.85 5.59 10.22
C VAL B 90 -19.05 4.28 10.41
N ASP B 91 -17.80 4.33 9.98
CA ASP B 91 -16.81 3.35 10.40
C ASP B 91 -15.74 4.11 11.21
N PRO B 92 -15.66 3.86 12.52
CA PRO B 92 -14.78 4.69 13.35
C PRO B 92 -13.32 4.45 13.14
N ILE B 93 -12.93 3.22 12.84
CA ILE B 93 -11.56 2.95 12.37
C ILE B 93 -11.70 2.00 11.21
N ASP B 94 -11.44 2.50 10.00
CA ASP B 94 -11.29 1.63 8.86
C ASP B 94 -9.83 1.33 8.56
N GLY B 95 -9.53 0.04 8.55
CA GLY B 95 -8.18 -0.46 8.54
C GLY B 95 -7.71 -0.72 9.97
N THR B 96 -8.52 -1.46 10.73
CA THR B 96 -8.15 -1.80 12.10
C THR B 96 -6.83 -2.58 12.15
N LEU B 97 -6.62 -3.51 11.22
CA LEU B 97 -5.36 -4.24 11.17
C LEU B 97 -4.17 -3.32 10.95
N ASN B 98 -4.27 -2.35 10.07
CA ASN B 98 -3.14 -1.47 9.87
C ASN B 98 -2.89 -0.68 11.15
N PHE B 99 -3.95 -0.37 11.90
CA PHE B 99 -3.81 0.30 13.20
C PHE B 99 -2.92 -0.54 14.11
N VAL B 100 -3.29 -1.82 14.25
CA VAL B 100 -2.62 -2.76 15.15
C VAL B 100 -1.13 -2.91 14.81
N HIS B 101 -0.85 -3.23 13.54
CA HIS B 101 0.48 -3.61 13.05
C HIS B 101 1.33 -2.45 12.54
N GLN B 102 0.71 -1.37 12.10
CA GLN B 102 1.43 -0.26 11.47
C GLN B 102 1.30 1.08 12.16
N GLN B 103 0.32 1.23 13.06
CA GLN B 103 0.09 2.49 13.74
C GLN B 103 0.00 3.66 12.75
N GLU B 104 -0.66 3.36 11.62
CA GLU B 104 -0.95 4.32 10.54
C GLU B 104 -1.74 3.64 9.40
N ASN B 105 -1.95 4.37 8.31
CA ASN B 105 -2.86 3.94 7.22
C ASN B 105 -4.24 3.39 7.66
N PHE B 106 -4.85 4.06 8.65
CA PHE B 106 -6.22 3.76 9.03
C PHE B 106 -7.03 5.06 8.92
N ALA B 107 -8.35 4.93 8.96
CA ALA B 107 -9.17 6.05 8.69
C ALA B 107 -10.47 6.05 9.42
N ILE B 108 -10.96 7.25 9.73
CA ILE B 108 -12.32 7.42 10.22
C ILE B 108 -13.11 7.73 8.97
N SER B 109 -14.22 7.01 8.76
CA SER B 109 -15.02 7.26 7.59
C SER B 109 -16.44 7.52 8.01
N ILE B 110 -17.01 8.57 7.46
CA ILE B 110 -18.35 9.05 7.84
C ILE B 110 -19.00 9.49 6.56
N GLY B 111 -20.10 8.84 6.24
CA GLY B 111 -20.94 9.22 5.11
C GLY B 111 -22.28 9.73 5.62
N ILE B 112 -22.80 10.81 5.04
CA ILE B 112 -24.15 11.26 5.42
C ILE B 112 -25.15 11.19 4.26
N TYR B 113 -26.29 10.58 4.56
CA TYR B 113 -27.42 10.51 3.63
C TYR B 113 -28.61 11.25 4.22
N ILE B 114 -29.44 11.78 3.34
CA ILE B 114 -30.65 12.51 3.76
C ILE B 114 -31.71 12.04 2.79
N ASP B 115 -32.84 11.59 3.34
CA ASP B 115 -33.98 11.08 2.56
C ASP B 115 -33.56 10.08 1.53
N GLY B 116 -32.70 9.15 1.97
CA GLY B 116 -32.11 8.13 1.12
C GLY B 116 -31.03 8.55 0.15
N LYS B 117 -30.67 9.83 0.17
CA LYS B 117 -29.77 10.41 -0.84
C LYS B 117 -28.50 10.92 -0.17
N PRO B 118 -27.36 10.73 -0.84
CA PRO B 118 -26.07 11.12 -0.29
C PRO B 118 -25.99 12.63 -0.11
N TYR B 119 -25.27 13.10 0.89
CA TYR B 119 -25.16 14.56 1.12
C TYR B 119 -23.70 14.93 1.29
N ALA B 120 -23.04 14.37 2.32
CA ALA B 120 -21.61 14.60 2.53
C ALA B 120 -20.83 13.30 2.83
N GLY B 121 -19.52 13.34 2.55
CA GLY B 121 -18.61 12.22 2.78
C GLY B 121 -17.29 12.73 3.31
N PHE B 122 -16.75 12.03 4.32
CA PHE B 122 -15.54 12.38 5.00
C PHE B 122 -14.70 11.12 5.23
N VAL B 123 -13.44 11.14 4.80
CA VAL B 123 -12.51 10.13 5.24
C VAL B 123 -11.25 10.85 5.70
N TYR B 124 -10.91 10.59 6.96
CA TYR B 124 -9.86 11.28 7.69
C TYR B 124 -8.68 10.33 7.92
N ASP B 125 -7.62 10.49 7.16
CA ASP B 125 -6.41 9.73 7.38
C ASP B 125 -5.69 10.33 8.62
N VAL B 126 -5.88 9.66 9.76
CA VAL B 126 -5.58 10.26 11.06
C VAL B 126 -4.08 10.55 11.26
N MET B 127 -3.23 9.54 11.07
CA MET B 127 -1.78 9.74 11.30
C MET B 127 -1.10 10.60 10.25
N ALA B 128 -1.69 10.73 9.07
CA ALA B 128 -1.16 11.66 8.10
C ALA B 128 -1.69 13.06 8.33
N ASP B 129 -2.82 13.16 9.06
CA ASP B 129 -3.57 14.42 9.29
C ASP B 129 -4.06 15.06 8.00
N VAL B 130 -4.84 14.29 7.25
CA VAL B 130 -5.37 14.70 5.97
C VAL B 130 -6.88 14.37 5.89
N LEU B 131 -7.68 15.40 5.65
CA LEU B 131 -9.12 15.21 5.56
C LEU B 131 -9.57 15.26 4.13
N TYR B 132 -10.01 14.10 3.63
CA TYR B 132 -10.69 13.99 2.33
C TYR B 132 -12.14 14.33 2.63
N HIS B 133 -12.76 15.18 1.84
CA HIS B 133 -14.11 15.57 2.20
C HIS B 133 -14.87 16.08 1.00
N ALA B 134 -16.17 15.89 1.04
CA ALA B 134 -16.98 16.31 -0.08
C ALA B 134 -18.42 16.41 0.30
N LYS B 135 -19.09 17.30 -0.44
CA LYS B 135 -20.50 17.62 -0.25
C LYS B 135 -21.06 17.64 -1.66
N VAL B 136 -22.19 16.96 -1.86
CA VAL B 136 -22.74 16.64 -3.19
C VAL B 136 -22.94 17.89 -4.05
N GLY B 137 -22.36 17.81 -5.26
CA GLY B 137 -22.34 18.88 -6.26
C GLY B 137 -21.43 20.06 -6.01
N GLU B 138 -20.54 19.97 -5.01
CA GLU B 138 -19.60 21.08 -4.72
C GLU B 138 -18.10 20.69 -4.70
N GLY B 139 -17.75 19.69 -5.51
CA GLY B 139 -16.38 19.23 -5.59
C GLY B 139 -15.91 18.48 -4.36
N ALA B 140 -14.72 17.90 -4.48
CA ALA B 140 -14.11 17.06 -3.45
C ALA B 140 -12.78 17.65 -3.08
N TYR B 141 -12.36 17.43 -1.83
CA TYR B 141 -11.20 18.15 -1.32
C TYR B 141 -10.27 17.24 -0.58
N ARG B 142 -9.03 17.67 -0.44
CA ARG B 142 -8.06 17.07 0.43
C ARG B 142 -7.46 18.26 1.20
N GLY B 143 -7.91 18.42 2.45
CA GLY B 143 -7.73 19.65 3.19
C GLY B 143 -8.39 20.80 2.42
N SER B 144 -7.59 21.80 2.03
CA SER B 144 -8.10 22.95 1.29
C SER B 144 -8.03 22.81 -0.23
N GLN B 145 -7.32 21.79 -0.74
CA GLN B 145 -7.07 21.66 -2.17
C GLN B 145 -8.21 20.98 -2.91
N PRO B 146 -8.75 21.61 -3.97
CA PRO B 146 -9.66 20.86 -4.81
C PRO B 146 -9.02 19.64 -5.50
N LEU B 147 -9.79 18.58 -5.66
CA LEU B 147 -9.40 17.44 -6.43
C LEU B 147 -9.90 17.64 -7.85
N LYS B 148 -9.00 17.51 -8.81
CA LYS B 148 -9.37 17.54 -10.22
C LYS B 148 -10.20 16.31 -10.56
N PRO B 149 -11.06 16.41 -11.59
CA PRO B 149 -11.80 15.23 -12.02
C PRO B 149 -10.89 14.19 -12.61
N LEU B 150 -11.41 13.00 -12.79
CA LEU B 150 -10.58 11.93 -13.22
C LEU B 150 -10.64 11.93 -14.71
N ASN B 151 -9.53 11.51 -15.32
CA ASN B 151 -9.53 11.14 -16.71
C ASN B 151 -9.61 9.66 -16.88
N ASP B 152 -10.16 9.26 -18.02
CA ASP B 152 -10.26 7.89 -18.41
C ASP B 152 -8.86 7.30 -18.57
N SER B 153 -8.76 6.03 -18.22
CA SER B 153 -7.62 5.21 -18.57
C SER B 153 -8.16 3.86 -19.07
N ASN B 154 -7.39 3.18 -19.93
CA ASN B 154 -7.72 1.77 -20.22
C ASN B 154 -7.14 0.94 -19.11
N LEU B 155 -7.55 -0.33 -19.07
CA LEU B 155 -7.07 -1.24 -18.06
C LEU B 155 -5.55 -1.43 -18.20
N ARG B 156 -5.08 -1.53 -19.45
CA ARG B 156 -3.67 -1.74 -19.74
C ARG B 156 -2.67 -0.77 -19.16
N GLN B 157 -3.05 0.47 -18.89
CA GLN B 157 -2.10 1.43 -18.27
C GLN B 157 -2.52 1.80 -16.88
N SER B 158 -3.30 0.95 -16.24
CA SER B 158 -3.97 1.30 -14.98
C SER B 158 -3.42 0.44 -13.82
N ILE B 159 -3.31 1.05 -12.65
CA ILE B 159 -2.95 0.32 -11.45
C ILE B 159 -4.24 0.08 -10.72
N ILE B 160 -4.46 -1.12 -10.23
CA ILE B 160 -5.71 -1.39 -9.55
C ILE B 160 -5.51 -1.89 -8.13
N GLY B 161 -6.49 -1.62 -7.27
CA GLY B 161 -6.50 -2.05 -5.88
C GLY B 161 -7.23 -3.38 -5.84
N ILE B 162 -6.51 -4.46 -5.54
CA ILE B 162 -7.14 -5.74 -5.27
C ILE B 162 -6.27 -6.58 -4.37
N ASN B 163 -6.89 -7.06 -3.31
CA ASN B 163 -6.16 -7.78 -2.30
C ASN B 163 -5.80 -9.23 -2.75
N PRO B 164 -4.58 -9.70 -2.42
CA PRO B 164 -4.20 -11.05 -2.83
C PRO B 164 -5.22 -12.13 -2.47
N ASN B 165 -5.82 -11.99 -1.28
CA ASN B 165 -6.83 -12.92 -0.80
C ASN B 165 -7.87 -13.24 -1.90
N TRP B 166 -8.27 -12.26 -2.72
CA TRP B 166 -9.37 -12.52 -3.65
C TRP B 166 -9.00 -13.28 -4.93
N LEU B 167 -7.71 -13.44 -5.19
CA LEU B 167 -7.25 -14.26 -6.31
C LEU B 167 -7.04 -15.70 -5.87
N THR B 168 -7.31 -15.98 -4.59
CA THR B 168 -7.15 -17.33 -4.06
C THR B 168 -8.41 -18.14 -4.29
N LYS B 169 -9.56 -17.50 -4.32
CA LYS B 169 -10.83 -18.22 -4.37
C LYS B 169 -10.98 -18.99 -5.69
N PRO B 170 -11.67 -20.14 -5.66
CA PRO B 170 -11.65 -20.99 -6.86
C PRO B 170 -12.24 -20.29 -8.14
N ILE B 171 -13.48 -19.83 -8.07
CA ILE B 171 -14.19 -19.25 -9.22
C ILE B 171 -13.89 -17.75 -9.36
N LEU B 172 -14.13 -17.01 -8.29
CA LEU B 172 -13.77 -15.61 -8.22
C LEU B 172 -12.29 -15.29 -8.56
N GLY B 173 -11.37 -16.10 -8.06
CA GLY B 173 -9.97 -15.93 -8.42
C GLY B 173 -9.76 -15.88 -9.94
N GLU B 174 -10.32 -16.87 -10.65
CA GLU B 174 -10.22 -16.94 -12.09
C GLU B 174 -10.67 -15.70 -12.81
N ILE B 175 -11.86 -15.25 -12.45
CA ILE B 175 -12.39 -13.98 -12.89
C ILE B 175 -11.44 -12.81 -12.63
N PHE B 176 -10.85 -12.73 -11.43
CA PHE B 176 -10.01 -11.56 -11.11
C PHE B 176 -8.60 -11.68 -11.64
N LYS B 177 -8.14 -12.90 -11.92
CA LYS B 177 -6.84 -13.14 -12.55
C LYS B 177 -6.74 -12.41 -13.89
N GLU B 178 -7.82 -12.58 -14.65
CA GLU B 178 -8.00 -11.94 -15.94
C GLU B 178 -7.68 -10.49 -15.81
N ILE B 179 -8.22 -9.81 -14.80
CA ILE B 179 -8.06 -8.36 -14.82
C ILE B 179 -6.72 -7.93 -14.26
N VAL B 180 -6.22 -8.71 -13.29
CA VAL B 180 -4.89 -8.55 -12.72
C VAL B 180 -3.82 -8.71 -13.81
N ASN B 181 -3.90 -9.77 -14.63
CA ASN B 181 -2.89 -9.97 -15.71
C ASN B 181 -2.89 -8.80 -16.70
N ASP B 182 -4.05 -8.21 -16.86
CA ASP B 182 -4.24 -7.17 -17.83
C ASP B 182 -3.73 -5.79 -17.43
N SER B 183 -3.99 -5.43 -16.18
CA SER B 183 -3.63 -4.12 -15.62
C SER B 183 -2.11 -3.97 -15.67
N ARG B 184 -1.63 -2.73 -15.64
CA ARG B 184 -0.18 -2.48 -15.50
C ARG B 184 0.44 -3.09 -14.22
N SER B 185 -0.23 -2.94 -13.10
CA SER B 185 0.11 -3.62 -11.87
C SER B 185 -1.04 -3.48 -10.84
N ALA B 186 -0.91 -4.22 -9.75
CA ALA B 186 -1.88 -4.17 -8.67
C ALA B 186 -1.21 -3.80 -7.32
N ARG B 187 -2.05 -3.35 -6.41
CA ARG B 187 -1.69 -2.92 -5.09
C ARG B 187 -2.82 -3.38 -4.16
N ALA B 188 -2.51 -3.49 -2.87
CA ALA B 188 -3.47 -3.72 -1.82
C ALA B 188 -3.04 -2.91 -0.59
N TYR B 189 -3.90 -2.06 -0.04
CA TYR B 189 -3.51 -1.25 1.14
C TYR B 189 -4.18 -1.58 2.48
N GLY B 190 -5.22 -2.39 2.52
CA GLY B 190 -5.80 -2.75 3.83
C GLY B 190 -6.82 -1.77 4.39
N SER B 191 -7.11 -0.70 3.64
CA SER B 191 -8.24 0.17 3.95
C SER B 191 -9.08 0.38 2.73
N ALA B 192 -10.36 0.06 2.84
CA ALA B 192 -11.30 0.36 1.76
C ALA B 192 -11.53 1.90 1.55
N ALA B 193 -11.72 2.61 2.64
CA ALA B 193 -11.99 4.05 2.55
C ALA B 193 -10.84 4.85 1.93
N LEU B 194 -9.63 4.47 2.25
CA LEU B 194 -8.45 5.10 1.68
C LEU B 194 -8.27 4.67 0.22
N GLU B 195 -8.55 3.40 -0.06
CA GLU B 195 -8.45 2.89 -1.43
C GLU B 195 -9.52 3.41 -2.39
N ILE B 196 -10.71 3.66 -1.88
CA ILE B 196 -11.72 4.38 -2.64
C ILE B 196 -11.21 5.78 -2.82
N VAL B 197 -10.75 6.37 -1.74
CA VAL B 197 -10.19 7.69 -1.82
C VAL B 197 -9.00 7.74 -2.77
N SER B 198 -8.10 6.76 -2.72
CA SER B 198 -6.98 6.70 -3.68
C SER B 198 -7.42 6.76 -5.15
N VAL B 199 -8.63 6.26 -5.48
CA VAL B 199 -9.17 6.40 -6.83
C VAL B 199 -9.66 7.83 -7.03
N ALA B 200 -10.26 8.41 -6.00
CA ALA B 200 -10.66 9.80 -6.07
C ALA B 200 -9.49 10.72 -6.41
N THR B 201 -8.32 10.42 -5.85
CA THR B 201 -7.10 11.20 -6.07
C THR B 201 -6.42 10.89 -7.41
N GLY B 202 -6.81 9.86 -8.14
CA GLY B 202 -5.98 9.38 -9.26
C GLY B 202 -4.79 8.53 -8.84
N ASN B 203 -4.71 8.24 -7.56
CA ASN B 203 -3.63 7.40 -7.05
C ASN B 203 -3.75 5.91 -7.46
N LEU B 204 -4.99 5.40 -7.57
CA LEU B 204 -5.31 4.11 -8.21
C LEU B 204 -6.34 4.47 -9.28
N GLU B 205 -6.36 3.75 -10.39
CA GLU B 205 -7.41 3.96 -11.38
C GLU B 205 -8.67 3.14 -11.06
N ALA B 206 -8.49 2.07 -10.30
CA ALA B 206 -9.63 1.25 -9.96
C ALA B 206 -9.38 0.52 -8.68
N TYR B 207 -10.45 0.11 -8.02
CA TYR B 207 -10.38 -0.72 -6.83
C TYR B 207 -11.61 -1.66 -6.76
N MET B 208 -11.35 -2.92 -6.43
CA MET B 208 -12.41 -3.91 -6.32
C MET B 208 -12.23 -4.85 -5.10
N THR B 209 -13.35 -5.46 -4.75
CA THR B 209 -13.44 -6.37 -3.65
C THR B 209 -14.86 -6.93 -3.70
N PRO B 210 -14.99 -8.21 -3.34
CA PRO B 210 -16.24 -8.95 -3.44
C PRO B 210 -17.21 -8.69 -2.30
N ARG B 211 -16.70 -8.13 -1.19
CA ARG B 211 -17.52 -7.82 0.01
C ARG B 211 -17.08 -6.53 0.74
N LEU B 212 -18.08 -5.75 1.16
CA LEU B 212 -17.82 -4.51 1.88
C LEU B 212 -19.12 -4.01 2.57
N GLN B 213 -19.01 -3.42 3.76
CA GLN B 213 -20.20 -2.90 4.48
C GLN B 213 -20.48 -1.44 4.09
N PRO B 214 -21.74 -0.95 4.26
CA PRO B 214 -22.09 0.43 3.91
C PRO B 214 -21.14 1.44 4.54
N TRP B 215 -20.81 1.24 5.80
CA TRP B 215 -19.82 2.11 6.48
C TRP B 215 -18.37 2.06 5.94
N ASP B 216 -18.07 1.10 5.06
CA ASP B 216 -16.74 1.04 4.42
C ASP B 216 -16.64 2.01 3.26
N PHE B 217 -17.77 2.16 2.55
CA PHE B 217 -17.83 2.98 1.36
C PHE B 217 -18.65 4.29 1.41
N ALA B 218 -19.57 4.42 2.38
CA ALA B 218 -20.48 5.57 2.40
C ALA B 218 -19.79 6.92 2.26
N GLY B 219 -18.68 7.15 2.94
CA GLY B 219 -17.97 8.43 2.78
C GLY B 219 -17.19 8.58 1.47
N GLY B 220 -16.45 7.55 1.08
CA GLY B 220 -15.59 7.64 -0.09
C GLY B 220 -16.40 7.82 -1.36
N LEU B 221 -17.63 7.35 -1.34
CA LEU B 221 -18.49 7.45 -2.51
C LEU B 221 -18.89 8.88 -2.84
N VAL B 222 -19.17 9.71 -1.84
CA VAL B 222 -19.46 11.09 -2.13
C VAL B 222 -18.23 11.81 -2.74
N ILE B 223 -17.09 11.71 -2.10
CA ILE B 223 -15.83 12.22 -2.62
C ILE B 223 -15.59 11.74 -4.07
N LEU B 224 -15.76 10.45 -4.31
CA LEU B 224 -15.58 9.90 -5.65
C LEU B 224 -16.47 10.44 -6.76
N TYR B 225 -17.78 10.67 -6.52
CA TYR B 225 -18.58 11.18 -7.67
C TYR B 225 -18.40 12.68 -7.87
N GLU B 226 -17.83 13.38 -6.89
CA GLU B 226 -17.49 14.79 -7.12
C GLU B 226 -16.29 14.95 -8.04
N VAL B 227 -15.47 13.93 -8.27
CA VAL B 227 -14.39 13.99 -9.29
C VAL B 227 -14.77 13.12 -10.49
N ASN B 228 -16.08 12.87 -10.61
CA ASN B 228 -16.64 12.02 -11.68
C ASN B 228 -16.20 10.58 -11.71
N GLY B 229 -15.69 10.07 -10.60
CA GLY B 229 -15.43 8.65 -10.48
C GLY B 229 -16.70 7.83 -10.51
N GLN B 230 -16.55 6.55 -10.78
CA GLN B 230 -17.69 5.64 -10.82
C GLN B 230 -17.68 4.52 -9.80
N ALA B 231 -18.86 4.24 -9.26
CA ALA B 231 -19.09 3.12 -8.33
C ALA B 231 -20.19 2.19 -8.85
N SER B 232 -20.04 0.91 -8.55
CA SER B 232 -21.11 -0.09 -8.74
C SER B 232 -20.66 -1.29 -7.94
N ASN B 233 -21.45 -2.36 -7.97
CA ASN B 233 -20.93 -3.64 -7.53
C ASN B 233 -20.33 -4.41 -8.74
N LEU B 234 -19.94 -5.66 -8.52
CA LEU B 234 -19.27 -6.40 -9.55
C LEU B 234 -20.26 -6.77 -10.67
N LEU B 235 -21.56 -6.66 -10.36
CA LEU B 235 -22.61 -6.90 -11.37
C LEU B 235 -23.08 -5.63 -12.09
N GLY B 236 -22.48 -4.48 -11.78
CA GLY B 236 -22.82 -3.21 -12.41
C GLY B 236 -24.11 -2.65 -11.89
N GLU B 237 -24.45 -2.99 -10.66
CA GLU B 237 -25.64 -2.47 -10.04
C GLU B 237 -25.28 -1.28 -9.11
N PRO B 238 -26.23 -0.40 -8.84
CA PRO B 238 -25.88 0.70 -7.93
C PRO B 238 -25.58 0.23 -6.51
N LEU B 239 -24.61 0.83 -5.83
CA LEU B 239 -24.43 0.58 -4.40
C LEU B 239 -25.41 1.50 -3.61
N THR B 240 -26.02 0.97 -2.57
CA THR B 240 -26.86 1.73 -1.70
C THR B 240 -26.42 1.39 -0.28
N ILE B 241 -26.87 2.15 0.72
CA ILE B 241 -26.41 1.96 2.08
C ILE B 241 -27.34 1.07 2.87
N SER B 242 -28.01 0.17 2.16
CA SER B 242 -29.06 -0.70 2.77
C SER B 242 -28.66 -2.15 2.94
N GLY B 243 -27.46 -2.51 2.47
CA GLY B 243 -26.93 -3.85 2.67
C GLY B 243 -25.43 -3.82 2.40
N PRO B 244 -24.74 -4.88 2.78
CA PRO B 244 -23.39 -5.03 2.26
C PRO B 244 -23.44 -5.34 0.75
N ASN B 245 -22.29 -5.34 0.08
CA ASN B 245 -22.24 -5.59 -1.35
C ASN B 245 -20.77 -5.78 -1.84
N SER B 246 -20.64 -6.18 -3.11
CA SER B 246 -19.36 -6.12 -3.81
C SER B 246 -19.16 -4.73 -4.37
N ILE B 247 -17.92 -4.43 -4.75
CA ILE B 247 -17.53 -3.09 -5.14
C ILE B 247 -16.56 -3.09 -6.34
N LEU B 248 -16.88 -2.25 -7.32
CA LEU B 248 -15.96 -1.87 -8.39
C LEU B 248 -16.02 -0.36 -8.49
N VAL B 249 -14.89 0.31 -8.21
CA VAL B 249 -14.77 1.74 -8.39
C VAL B 249 -13.65 2.12 -9.36
N GLY B 250 -13.87 3.15 -10.17
CA GLY B 250 -12.81 3.65 -11.04
C GLY B 250 -13.17 4.89 -11.80
N ASN B 251 -12.21 5.45 -12.55
CA ASN B 251 -12.52 6.44 -13.55
C ASN B 251 -13.49 5.81 -14.59
N ARG B 252 -14.27 6.61 -15.32
CA ARG B 252 -15.35 5.98 -16.06
C ARG B 252 -14.88 5.07 -17.17
N GLY B 253 -13.81 5.47 -17.84
CA GLY B 253 -13.33 4.72 -18.99
C GLY B 253 -13.06 3.29 -18.59
N LEU B 254 -12.31 3.12 -17.50
CA LEU B 254 -11.85 1.80 -17.18
C LEU B 254 -12.76 0.97 -16.29
N HIS B 255 -13.71 1.64 -15.65
CA HIS B 255 -14.78 0.97 -14.93
C HIS B 255 -15.73 0.31 -15.97
N GLN B 256 -15.84 0.96 -17.12
CA GLN B 256 -16.58 0.52 -18.30
C GLN B 256 -15.86 -0.66 -18.99
N GLU B 257 -14.53 -0.60 -19.05
CA GLU B 257 -13.76 -1.70 -19.65
C GLU B 257 -13.82 -2.91 -18.75
N ILE B 258 -13.59 -2.69 -17.47
CA ILE B 258 -13.66 -3.80 -16.54
C ILE B 258 -15.04 -4.45 -16.52
N SER B 259 -16.11 -3.68 -16.23
CA SER B 259 -17.48 -4.21 -16.18
C SER B 259 -17.81 -4.91 -17.52
N ASN B 260 -17.72 -4.24 -18.66
CA ASN B 260 -18.18 -4.80 -19.94
C ASN B 260 -17.32 -5.93 -20.53
N ASP B 261 -16.03 -5.92 -20.20
CA ASP B 261 -15.11 -6.87 -20.75
C ASP B 261 -14.72 -8.05 -19.83
N TYR B 262 -14.63 -7.82 -18.53
CA TYR B 262 -14.10 -8.85 -17.67
C TYR B 262 -15.12 -9.36 -16.65
N LEU B 263 -16.09 -8.55 -16.25
CA LEU B 263 -17.06 -9.05 -15.26
C LEU B 263 -18.39 -9.43 -15.89
N GLU B 264 -18.87 -8.64 -16.83
CA GLU B 264 -20.23 -8.80 -17.29
C GLU B 264 -20.39 -10.09 -18.11
N PRO B 265 -19.33 -10.49 -18.86
CA PRO B 265 -19.36 -11.84 -19.43
C PRO B 265 -19.56 -12.97 -18.42
N HIS B 266 -19.21 -12.78 -17.15
CA HIS B 266 -19.51 -13.81 -16.13
C HIS B 266 -20.53 -13.33 -15.08
N HIS B 267 -21.51 -12.52 -15.52
CA HIS B 267 -22.66 -12.06 -14.68
C HIS B 267 -23.13 -13.25 -13.81
N ASP B 268 -23.37 -14.39 -14.46
CA ASP B 268 -24.01 -15.52 -13.80
C ASP B 268 -23.17 -16.31 -12.76
N ALA B 269 -21.89 -16.55 -13.08
CA ALA B 269 -20.96 -16.99 -12.02
C ALA B 269 -21.03 -16.03 -10.81
N LEU B 270 -20.95 -14.73 -11.10
CA LEU B 270 -20.97 -13.72 -10.03
C LEU B 270 -22.25 -13.74 -9.23
N ILE B 271 -23.38 -13.95 -9.90
CA ILE B 271 -24.65 -14.00 -9.21
C ILE B 271 -24.63 -15.15 -8.24
N GLN B 272 -24.14 -16.30 -8.69
CA GLN B 272 -23.92 -17.42 -7.77
C GLN B 272 -23.08 -17.02 -6.57
N LEU B 273 -21.79 -16.72 -6.79
CA LEU B 273 -20.88 -16.42 -5.69
C LEU B 273 -21.52 -15.43 -4.71
N HIS B 274 -22.16 -14.39 -5.25
CA HIS B 274 -22.90 -13.36 -4.52
C HIS B 274 -24.01 -13.99 -3.64
N GLU B 275 -24.78 -14.92 -4.20
CA GLU B 275 -25.88 -15.55 -3.45
C GLU B 275 -25.31 -16.35 -2.28
N GLN B 276 -24.26 -17.12 -2.55
CA GLN B 276 -23.51 -17.79 -1.47
C GLN B 276 -22.94 -16.84 -0.37
N ARG B 277 -22.25 -15.78 -0.79
CA ARG B 277 -21.60 -14.87 0.14
C ARG B 277 -22.59 -14.16 1.08
N PHE B 278 -23.67 -13.61 0.50
CA PHE B 278 -24.78 -13.05 1.25
C PHE B 278 -25.94 -14.03 1.07
CA CA C . 14.55 1.41 -10.85
P 2AM D . 11.48 -0.98 -10.39
O1P 2AM D . 10.23 -0.16 -9.81
O2P 2AM D . 10.98 -1.58 -11.82
O3P 2AM D . 12.65 -0.07 -10.48
C5' 2AM D . 7.63 -3.85 -8.51
O5' 2AM D . 6.53 -3.79 -7.59
C4' 2AM D . 8.87 -4.02 -7.64
O4' 2AM D . 9.70 -5.14 -8.12
C3' 2AM D . 9.79 -2.82 -7.75
O3' 2AM D . 10.62 -2.82 -6.60
C2' 2AM D . 10.52 -3.17 -9.07
O2' 2AM D . 11.66 -2.31 -9.39
C1' 2AM D . 10.90 -4.59 -8.76
N9 2AM D . 11.28 -5.40 -9.98
C8 2AM D . 12.41 -6.12 -10.11
N7 2AM D . 12.38 -6.74 -11.29
C5 2AM D . 11.26 -6.39 -11.91
C6 2AM D . 10.77 -6.73 -13.11
N6 2AM D . 11.52 -7.54 -13.85
N1 2AM D . 9.57 -6.28 -13.55
C2 2AM D . 8.82 -5.43 -12.72
N3 2AM D . 9.36 -5.08 -11.46
C4 2AM D . 10.56 -5.58 -11.09
CA CA E . 14.06 -1.45 -9.19
C1 GOL F . 5.06 -6.13 -3.63
O1 GOL F . 4.43 -6.73 -2.47
C2 GOL F . 4.14 -5.07 -4.16
O2 GOL F . 4.66 -4.40 -5.24
C3 GOL F . 3.07 -5.67 -4.91
O3 GOL F . 2.39 -6.64 -4.11
CA CA G . -14.22 -0.97 7.79
CA CA H . -13.64 -0.82 11.39
P 2AM I . -12.09 -2.79 9.03
O1P 2AM I . -12.12 -4.30 9.66
O2P 2AM I . -12.81 -1.83 9.91
O3P 2AM I . -10.52 -2.47 8.95
C5' 2AM I . -9.97 -4.59 3.91
O5' 2AM I . -9.99 -5.49 5.03
C4' 2AM I . -11.15 -3.62 4.12
O4' 2AM I . -12.48 -4.28 4.16
C3' 2AM I . -11.05 -2.85 5.40
O3' 2AM I . -11.52 -1.55 5.11
C2' 2AM I . -11.97 -3.63 6.40
O2' 2AM I . -12.63 -2.85 7.46
C1' 2AM I . -13.03 -4.30 5.49
N9 2AM I . -13.34 -5.73 5.93
C8 2AM I . -12.57 -6.61 6.58
N7 2AM I . -13.25 -7.74 6.77
C5 2AM I . -14.47 -7.56 6.23
C6 2AM I . -15.55 -8.37 6.14
N6 2AM I . -15.41 -9.59 6.68
N1 2AM I . -16.71 -8.01 5.53
C2 2AM I . -16.78 -6.73 4.99
N3 2AM I . -15.64 -5.88 5.10
C4 2AM I . -14.52 -6.31 5.71
#